data_3H9A
#
_entry.id   3H9A
#
_cell.length_a   46.252
_cell.length_b   47.198
_cell.length_c   62.906
_cell.angle_alpha   89.05
_cell.angle_beta   77.27
_cell.angle_gamma   82.28
#
_symmetry.space_group_name_H-M   'P 1'
#
loop_
_entity.id
_entity.type
_entity.pdbx_description
1 polymer 'Bacilysin biosynthesis protein bacB'
2 non-polymer 'COBALT (II) ION'
3 non-polymer '3-PHENYLPYRUVIC ACID'
4 non-polymer 'FE (III) ION'
5 water water
#
_entity_poly.entity_id   1
_entity_poly.type   'polypeptide(L)'
_entity_poly.pdbx_seq_one_letter_code
;(MSE)KTKED(MSE)QELYFPTPKLIEWENGVRQYSTVRGDTEVL(MSE)SYVPPHTNVEPHQHKEVQIG(MSE)VVSGE
L(MSE)(MSE)TVGDVTRK(MSE)TALESAYIAPPHVPHGARNDTDQEVIAIDIKRLKADETYTSPEDYFLDIFKTRDLL
PG(MSE)EVTFFVEDWVEI(MSE)LAKIPGNGGE(MSE)PFHKHRNEQIGICIGGGYD(MSE)TVEGCTVE(MSE)KFGT
AYFCEPREDHGAINRSEKESKSINIFFPPRYNRAKAKK(MSE)KADELEHHHHHH
;
_entity_poly.pdbx_strand_id   A,B
#
# COMPACT_ATOMS: atom_id res chain seq x y z
N LYS A 2 -18.03 21.32 3.93
CA LYS A 2 -17.07 20.36 4.48
C LYS A 2 -17.22 20.20 5.98
N THR A 3 -17.53 18.98 6.41
CA THR A 3 -17.67 18.68 7.83
C THR A 3 -16.32 18.70 8.54
N LYS A 4 -16.36 18.63 9.87
CA LYS A 4 -15.14 18.61 10.67
C LYS A 4 -14.37 17.34 10.36
N GLU A 5 -15.07 16.21 10.46
CA GLU A 5 -14.49 14.91 10.17
C GLU A 5 -14.12 14.78 8.69
N ASP A 6 -14.91 15.38 7.81
CA ASP A 6 -14.57 15.45 6.39
C ASP A 6 -13.19 16.06 6.19
N GLN A 8 -10.77 16.59 8.37
CA GLN A 8 -9.70 15.86 9.05
C GLN A 8 -9.05 14.82 8.12
N GLU A 9 -9.89 14.05 7.42
CA GLU A 9 -9.43 13.00 6.49
C GLU A 9 -8.68 13.54 5.28
N LEU A 10 -8.96 14.78 4.90
CA LEU A 10 -8.23 15.40 3.80
C LEU A 10 -6.85 15.83 4.25
N TYR A 11 -6.81 16.71 5.25
CA TYR A 11 -5.59 17.40 5.64
C TYR A 11 -4.73 16.61 6.61
N PHE A 12 -5.34 15.86 7.51
CA PHE A 12 -4.62 15.04 8.49
C PHE A 12 -5.10 13.59 8.41
N PRO A 13 -4.81 12.91 7.30
CA PRO A 13 -5.40 11.60 7.08
C PRO A 13 -4.95 10.58 8.13
N THR A 14 -5.84 9.65 8.44
CA THR A 14 -5.55 8.60 9.40
C THR A 14 -4.54 7.63 8.83
N PRO A 15 -3.46 7.39 9.57
CA PRO A 15 -2.41 6.50 9.07
C PRO A 15 -2.84 5.04 9.12
N LYS A 16 -2.14 4.20 8.35
CA LYS A 16 -2.32 2.76 8.42
C LYS A 16 -0.98 2.17 8.84
N LEU A 17 -1.03 1.06 9.58
CA LEU A 17 0.20 0.43 10.01
C LEU A 17 0.58 -0.70 9.07
N ILE A 18 1.80 -0.63 8.53
CA ILE A 18 2.28 -1.66 7.64
C ILE A 18 3.42 -2.43 8.32
N GLU A 19 3.33 -3.76 8.30
CA GLU A 19 4.39 -4.58 8.89
C GLU A 19 4.99 -5.53 7.87
N TRP A 20 6.32 -5.52 7.79
CA TRP A 20 7.03 -6.42 6.90
C TRP A 20 7.61 -7.59 7.68
N GLU A 21 7.81 -8.70 6.97
CA GLU A 21 8.42 -9.88 7.58
C GLU A 21 9.77 -9.58 8.21
N ASN A 22 10.58 -8.75 7.55
CA ASN A 22 11.90 -8.43 8.07
C ASN A 22 11.83 -7.71 9.42
N GLY A 23 10.64 -7.29 9.83
CA GLY A 23 10.45 -6.64 11.12
C GLY A 23 10.21 -5.14 11.05
N VAL A 24 10.46 -4.55 9.89
CA VAL A 24 10.20 -3.12 9.70
C VAL A 24 8.72 -2.82 9.94
N ARG A 25 8.45 -1.71 10.63
CA ARG A 25 7.08 -1.24 10.81
C ARG A 25 6.93 0.16 10.23
N GLN A 26 5.88 0.39 9.46
CA GLN A 26 5.68 1.69 8.82
C GLN A 26 4.31 2.28 9.14
N TYR A 27 4.27 3.58 9.37
CA TYR A 27 3.01 4.29 9.46
C TYR A 27 2.84 5.08 8.18
N SER A 28 1.76 4.78 7.48
CA SER A 28 1.55 5.31 6.14
C SER A 28 0.33 6.21 6.09
N THR A 29 0.55 7.43 5.62
CA THR A 29 -0.53 8.40 5.45
C THR A 29 -0.54 8.86 4.00
N VAL A 30 -1.74 9.01 3.44
CA VAL A 30 -1.87 9.27 2.02
C VAL A 30 -2.84 10.41 1.73
N ARG A 31 -2.48 11.26 0.77
CA ARG A 31 -3.44 12.15 0.15
C ARG A 31 -3.11 12.23 -1.33
N GLY A 32 -4.04 11.80 -2.16
CA GLY A 32 -3.87 11.82 -3.61
C GLY A 32 -2.57 11.21 -4.08
N ASP A 33 -1.71 12.05 -4.65
CA ASP A 33 -0.52 11.57 -5.36
C ASP A 33 0.71 11.41 -4.46
N THR A 34 0.55 11.62 -3.16
CA THR A 34 1.68 11.62 -2.25
C THR A 34 1.46 10.75 -1.01
N GLU A 35 2.46 9.95 -0.67
CA GLU A 35 2.43 9.10 0.51
C GLU A 35 3.56 9.47 1.46
N VAL A 36 3.24 9.57 2.75
CA VAL A 36 4.27 9.76 3.78
C VAL A 36 4.38 8.50 4.63
N LEU A 37 5.60 8.00 4.77
CA LEU A 37 5.82 6.82 5.61
C LEU A 37 6.83 7.11 6.72
N SER A 39 9.03 5.13 9.16
CA SER A 39 9.49 3.75 9.33
C SER A 39 10.29 3.54 10.61
N TYR A 40 10.09 2.38 11.23
CA TYR A 40 10.89 1.92 12.36
C TYR A 40 11.67 0.70 11.93
N VAL A 41 12.98 0.86 11.80
CA VAL A 41 13.83 -0.21 11.32
C VAL A 41 14.64 -0.77 12.49
N PRO A 42 14.39 -2.04 12.84
CA PRO A 42 15.03 -2.71 13.97
C PRO A 42 16.55 -2.84 13.80
N PRO A 43 17.26 -3.09 14.90
CA PRO A 43 18.72 -3.23 14.92
C PRO A 43 19.22 -4.23 13.89
N HIS A 44 20.43 -4.02 13.39
CA HIS A 44 21.08 -4.98 12.48
C HIS A 44 20.13 -5.59 11.47
N THR A 45 19.46 -4.75 10.68
CA THR A 45 18.45 -5.21 9.73
C THR A 45 18.62 -4.61 8.33
N ASN A 46 18.54 -5.47 7.31
CA ASN A 46 18.57 -5.03 5.92
C ASN A 46 17.20 -4.67 5.39
N VAL A 47 17.14 -3.64 4.54
CA VAL A 47 15.95 -3.38 3.75
C VAL A 47 16.32 -3.63 2.28
N GLU A 48 15.77 -4.69 1.72
CA GLU A 48 16.21 -5.17 0.41
C GLU A 48 16.05 -4.08 -0.64
N PRO A 49 17.04 -3.95 -1.53
CA PRO A 49 16.96 -3.00 -2.62
C PRO A 49 15.67 -3.17 -3.42
N HIS A 50 15.07 -2.08 -3.84
CA HIS A 50 13.94 -2.15 -4.76
C HIS A 50 13.81 -0.85 -5.53
N GLN A 51 12.82 -0.76 -6.42
CA GLN A 51 12.63 0.40 -7.27
C GLN A 51 11.18 0.51 -7.73
N HIS A 52 10.73 1.74 -7.97
CA HIS A 52 9.36 1.97 -8.41
C HIS A 52 9.27 3.24 -9.23
N LYS A 53 8.14 3.41 -9.91
CA LYS A 53 7.93 4.58 -10.75
C LYS A 53 7.85 5.86 -9.94
N GLU A 54 7.39 5.76 -8.69
CA GLU A 54 7.29 6.94 -7.85
C GLU A 54 8.67 7.44 -7.43
N VAL A 55 8.81 8.76 -7.30
CA VAL A 55 10.01 9.33 -6.70
C VAL A 55 9.94 9.10 -5.19
N GLN A 56 11.09 9.03 -4.53
CA GLN A 56 11.09 8.88 -3.09
C GLN A 56 12.15 9.77 -2.44
N ILE A 57 11.72 10.54 -1.45
CA ILE A 57 12.58 11.39 -0.65
C ILE A 57 12.71 10.75 0.73
N GLY A 58 13.92 10.68 1.27
CA GLY A 58 14.12 10.02 2.56
C GLY A 58 14.98 10.79 3.54
N VAL A 60 16.53 10.35 7.88
CA VAL A 60 16.55 9.70 9.18
C VAL A 60 16.14 10.70 10.25
N VAL A 61 15.18 10.33 11.09
CA VAL A 61 14.76 11.18 12.18
C VAL A 61 15.51 10.84 13.47
N SER A 62 15.82 9.55 13.64
CA SER A 62 16.47 9.10 14.84
C SER A 62 17.39 7.92 14.53
N GLY A 63 18.59 7.91 15.13
CA GLY A 63 19.54 6.83 14.89
C GLY A 63 20.42 7.07 13.67
N GLU A 64 21.06 6.00 13.20
CA GLU A 64 21.98 6.09 12.08
C GLU A 64 21.75 4.94 11.09
N LEU A 65 21.67 5.28 9.81
CA LEU A 65 21.27 4.32 8.80
C LEU A 65 22.27 4.28 7.63
N THR A 68 21.62 3.08 0.61
CA THR A 68 22.11 2.93 -0.75
C THR A 68 21.09 3.40 -1.78
N VAL A 69 21.53 4.30 -2.65
CA VAL A 69 20.75 4.76 -3.79
C VAL A 69 21.63 4.60 -5.03
N GLY A 70 21.16 3.88 -6.02
CA GLY A 70 22.00 3.53 -7.16
C GLY A 70 23.19 2.75 -6.63
N ASP A 71 24.40 3.26 -6.86
CA ASP A 71 25.58 2.61 -6.34
C ASP A 71 26.32 3.51 -5.36
N VAL A 72 25.61 4.49 -4.80
CA VAL A 72 26.18 5.37 -3.81
C VAL A 72 25.68 4.98 -2.43
N THR A 73 26.59 4.52 -1.59
CA THR A 73 26.24 4.19 -0.21
C THR A 73 26.72 5.28 0.74
N ARG A 74 25.85 5.66 1.67
CA ARG A 74 26.11 6.83 2.48
C ARG A 74 25.54 6.62 3.89
N LYS A 75 26.33 6.94 4.91
CA LYS A 75 25.86 6.86 6.29
C LYS A 75 24.98 8.07 6.61
N THR A 77 23.07 10.43 9.16
CA THR A 77 22.94 10.92 10.52
C THR A 77 21.61 11.65 10.69
N ALA A 78 21.00 11.51 11.87
CA ALA A 78 19.68 12.07 12.11
C ALA A 78 19.58 13.53 11.67
N LEU A 79 18.63 13.80 10.77
CA LEU A 79 18.25 15.17 10.44
C LEU A 79 19.36 16.02 9.81
N GLU A 80 20.45 15.38 9.40
CA GLU A 80 21.54 16.14 8.79
C GLU A 80 21.76 15.83 7.31
N SER A 81 20.95 14.92 6.76
CA SER A 81 21.07 14.51 5.36
C SER A 81 19.69 14.14 4.84
N ALA A 82 19.51 14.26 3.52
CA ALA A 82 18.34 13.68 2.86
C ALA A 82 18.81 13.11 1.54
N TYR A 83 18.07 12.18 0.97
CA TYR A 83 18.39 11.71 -0.35
C TYR A 83 17.16 11.80 -1.24
N ILE A 84 17.40 11.81 -2.54
CA ILE A 84 16.32 11.64 -3.48
C ILE A 84 16.65 10.45 -4.35
N ALA A 85 15.70 9.53 -4.48
CA ALA A 85 15.83 8.44 -5.41
C ALA A 85 14.85 8.69 -6.55
N PRO A 86 15.35 9.18 -7.69
CA PRO A 86 14.47 9.39 -8.83
C PRO A 86 13.77 8.09 -9.20
N PRO A 87 12.68 8.19 -9.98
CA PRO A 87 11.92 7.05 -10.48
C PRO A 87 12.81 5.95 -11.04
N HIS A 88 12.54 4.72 -10.63
CA HIS A 88 13.19 3.53 -11.18
C HIS A 88 14.62 3.32 -10.68
N VAL A 89 15.16 4.29 -9.97
CA VAL A 89 16.49 4.12 -9.38
C VAL A 89 16.43 3.19 -8.17
N PRO A 90 17.20 2.10 -8.20
CA PRO A 90 17.17 1.12 -7.12
C PRO A 90 17.72 1.71 -5.83
N HIS A 91 17.12 1.33 -4.70
CA HIS A 91 17.56 1.85 -3.41
C HIS A 91 17.13 0.88 -2.31
N GLY A 92 17.95 0.83 -1.26
CA GLY A 92 17.69 -0.02 -0.11
C GLY A 92 18.59 0.46 1.00
N ALA A 93 18.57 -0.23 2.14
CA ALA A 93 19.33 0.26 3.27
C ALA A 93 19.64 -0.84 4.27
N ARG A 94 20.49 -0.51 5.23
CA ARG A 94 20.73 -1.39 6.35
C ARG A 94 20.83 -0.55 7.62
N ASN A 95 20.08 -0.93 8.64
CA ASN A 95 20.36 -0.47 9.97
C ASN A 95 21.48 -1.33 10.53
N ASP A 96 22.70 -0.79 10.50
CA ASP A 96 23.87 -1.56 10.88
C ASP A 96 24.26 -1.36 12.35
N THR A 97 23.32 -0.82 13.14
CA THR A 97 23.63 -0.47 14.52
C THR A 97 22.84 -1.31 15.52
N ASP A 98 23.19 -1.14 16.80
CA ASP A 98 22.51 -1.82 17.90
C ASP A 98 21.20 -1.14 18.26
N GLN A 99 20.90 -0.03 17.60
CA GLN A 99 19.73 0.76 17.96
C GLN A 99 18.73 0.89 16.80
N GLU A 100 17.47 1.05 17.15
CA GLU A 100 16.41 1.23 16.16
C GLU A 100 16.58 2.55 15.39
N VAL A 101 16.28 2.50 14.09
CA VAL A 101 16.25 3.72 13.30
C VAL A 101 14.80 4.13 13.09
N ILE A 102 14.52 5.41 13.27
CA ILE A 102 13.24 5.97 12.88
C ILE A 102 13.51 6.85 11.67
N ALA A 103 12.81 6.60 10.57
CA ALA A 103 13.04 7.35 9.35
C ALA A 103 11.74 7.81 8.71
N ILE A 104 11.86 8.76 7.79
CA ILE A 104 10.72 9.30 7.08
C ILE A 104 10.96 9.20 5.58
N ASP A 105 9.99 8.70 4.83
CA ASP A 105 10.04 8.73 3.37
C ASP A 105 8.84 9.46 2.81
N ILE A 106 9.04 10.17 1.71
CA ILE A 106 7.96 10.66 0.91
C ILE A 106 8.02 9.98 -0.45
N LYS A 107 6.92 9.35 -0.84
CA LYS A 107 6.83 8.73 -2.15
C LYS A 107 5.76 9.45 -2.95
N ARG A 108 6.08 9.82 -4.18
CA ARG A 108 5.25 10.77 -4.91
C ARG A 108 5.32 10.55 -6.42
N LEU A 109 4.19 10.83 -7.08
CA LEU A 109 4.13 10.87 -8.53
C LEU A 109 2.98 11.79 -8.92
N LYS A 110 3.32 13.00 -9.39
CA LYS A 110 2.31 13.97 -9.78
C LYS A 110 2.65 14.56 -11.15
N ALA A 111 1.63 14.87 -11.94
CA ALA A 111 1.82 15.36 -13.31
C ALA A 111 2.66 16.62 -13.31
N ASP A 112 3.40 16.83 -14.40
CA ASP A 112 4.16 18.07 -14.59
C ASP A 112 5.27 18.24 -13.55
N GLU A 113 5.82 17.13 -13.08
CA GLU A 113 6.99 17.21 -12.22
C GLU A 113 8.13 16.39 -12.81
N THR A 114 9.32 16.96 -12.83
CA THR A 114 10.51 16.25 -13.25
C THR A 114 11.34 15.99 -12.00
N TYR A 115 11.62 14.74 -11.71
CA TYR A 115 12.27 14.40 -10.44
C TYR A 115 13.78 14.25 -10.59
N THR A 116 14.51 15.33 -10.33
CA THR A 116 15.95 15.29 -10.37
C THR A 116 16.54 15.11 -8.98
N SER A 117 17.84 14.85 -8.94
CA SER A 117 18.57 14.70 -7.69
C SER A 117 20.00 15.12 -7.92
N PRO A 118 20.75 15.36 -6.82
CA PRO A 118 22.19 15.57 -6.97
C PRO A 118 22.79 14.37 -7.68
N GLU A 119 23.96 14.53 -8.28
CA GLU A 119 24.54 13.45 -9.05
C GLU A 119 24.74 12.22 -8.20
N ASP A 120 24.99 12.42 -6.90
CA ASP A 120 25.18 11.30 -5.99
C ASP A 120 23.98 11.09 -5.05
N TYR A 121 22.86 11.70 -5.39
CA TYR A 121 21.56 11.44 -4.76
C TYR A 121 21.29 12.13 -3.41
N PHE A 122 22.34 12.38 -2.62
CA PHE A 122 22.16 12.90 -1.27
C PHE A 122 22.23 14.42 -1.16
N LEU A 123 21.41 14.98 -0.29
CA LEU A 123 21.39 16.42 -0.04
C LEU A 123 21.99 16.71 1.32
N ASP A 124 22.90 17.69 1.38
CA ASP A 124 23.35 18.16 2.67
C ASP A 124 22.61 19.44 3.08
N ILE A 125 22.75 19.84 4.33
CA ILE A 125 22.12 21.08 4.78
C ILE A 125 22.52 22.21 3.83
N PHE A 126 21.54 22.93 3.29
CA PHE A 126 21.84 24.07 2.45
C PHE A 126 22.06 25.32 3.30
N LYS A 127 21.23 25.49 4.33
CA LYS A 127 21.27 26.70 5.14
C LYS A 127 20.38 26.58 6.37
N THR A 128 20.87 27.13 7.47
CA THR A 128 20.08 27.21 8.69
C THR A 128 19.91 28.66 9.09
N ARG A 129 18.68 29.07 9.36
CA ARG A 129 18.38 30.44 9.74
C ARG A 129 17.03 30.51 10.44
N ASP A 130 16.74 31.65 11.06
CA ASP A 130 15.41 31.91 11.58
C ASP A 130 14.48 32.29 10.43
N LEU A 131 13.35 31.61 10.33
CA LEU A 131 12.33 31.97 9.36
C LEU A 131 11.56 33.14 9.93
N LEU A 132 11.21 33.01 11.21
CA LEU A 132 10.59 34.07 11.98
C LEU A 132 11.41 34.16 13.26
N PRO A 133 11.40 35.33 13.91
CA PRO A 133 12.21 35.46 15.13
C PRO A 133 11.98 34.27 16.07
N GLY A 134 13.07 33.65 16.49
CA GLY A 134 13.00 32.52 17.41
C GLY A 134 12.67 31.19 16.74
N GLU A 136 13.89 28.60 14.27
CA GLU A 136 14.99 28.08 13.46
C GLU A 136 14.52 27.02 12.46
N VAL A 137 14.89 27.23 11.20
CA VAL A 137 14.61 26.26 10.15
C VAL A 137 15.90 25.83 9.47
N THR A 138 15.87 24.65 8.88
CA THR A 138 17.01 24.14 8.14
C THR A 138 16.52 23.62 6.80
N PHE A 139 17.18 24.07 5.73
CA PHE A 139 16.75 23.77 4.38
C PHE A 139 17.58 22.71 3.68
N PHE A 140 16.91 21.81 2.97
CA PHE A 140 17.53 20.96 1.97
C PHE A 140 16.80 21.26 0.65
N VAL A 141 17.55 21.48 -0.44
CA VAL A 141 16.97 22.06 -1.65
C VAL A 141 17.24 21.31 -2.96
N GLU A 142 16.18 21.02 -3.70
CA GLU A 142 16.30 20.64 -5.11
C GLU A 142 15.42 21.56 -5.97
N ASP A 143 15.48 21.39 -7.28
CA ASP A 143 14.70 22.19 -8.21
C ASP A 143 13.23 22.13 -7.90
N TRP A 144 12.77 20.93 -7.56
CA TRP A 144 11.35 20.65 -7.50
C TRP A 144 10.87 20.39 -6.07
N VAL A 145 11.80 20.30 -5.14
CA VAL A 145 11.40 20.07 -3.75
C VAL A 145 12.26 20.85 -2.79
N GLU A 146 11.65 21.31 -1.71
CA GLU A 146 12.35 22.01 -0.66
C GLU A 146 11.97 21.42 0.69
N ILE A 147 12.97 20.90 1.41
CA ILE A 147 12.77 20.34 2.73
C ILE A 147 13.13 21.38 3.79
N LEU A 149 13.16 21.75 7.90
CA LEU A 149 12.98 21.42 9.31
C LEU A 149 12.60 22.70 10.03
N ALA A 150 11.64 22.61 10.92
CA ALA A 150 11.28 23.78 11.73
C ALA A 150 11.22 23.46 13.22
N LYS A 151 11.79 24.36 14.02
CA LYS A 151 11.62 24.33 15.45
C LYS A 151 10.68 25.46 15.84
N ILE A 152 9.52 25.11 16.36
CA ILE A 152 8.56 26.13 16.79
C ILE A 152 8.59 26.21 18.31
N PRO A 153 9.05 27.35 18.85
CA PRO A 153 9.18 27.46 20.30
C PRO A 153 7.83 27.30 20.99
N GLY A 154 7.84 26.83 22.22
CA GLY A 154 6.64 26.78 23.02
C GLY A 154 6.29 28.19 23.42
N ASN A 155 5.36 28.34 24.33
CA ASN A 155 4.91 29.64 24.79
C ASN A 155 4.48 30.62 23.68
N GLY A 156 3.80 30.12 22.67
CA GLY A 156 3.24 31.00 21.66
C GLY A 156 3.96 31.03 20.33
N GLY A 157 5.01 30.23 20.19
CA GLY A 157 5.67 30.11 18.89
C GLY A 157 4.58 29.91 17.87
N GLU A 158 4.63 30.66 16.77
CA GLU A 158 3.52 30.61 15.81
C GLU A 158 3.91 30.90 14.38
N PRO A 160 1.91 32.28 11.45
CA PRO A 160 0.59 32.84 11.15
C PRO A 160 -0.10 32.13 9.99
N PHE A 161 -1.42 32.21 10.01
CA PHE A 161 -2.31 31.55 9.05
C PHE A 161 -2.12 32.19 7.66
N HIS A 162 -1.78 31.37 6.67
CA HIS A 162 -1.44 31.85 5.33
C HIS A 162 -1.71 30.77 4.28
N LYS A 163 -1.50 31.14 3.02
CA LYS A 163 -1.53 30.16 1.93
C LYS A 163 -0.53 30.50 0.84
N HIS A 164 -0.32 29.57 -0.07
CA HIS A 164 0.57 29.77 -1.21
C HIS A 164 0.26 28.70 -2.26
N ARG A 165 0.64 28.96 -3.50
CA ARG A 165 0.38 27.99 -4.54
C ARG A 165 1.17 26.71 -4.31
N ASN A 166 2.30 26.80 -3.61
CA ASN A 166 3.11 25.62 -3.33
C ASN A 166 2.34 24.60 -2.52
N GLU A 167 2.38 23.34 -2.96
CA GLU A 167 1.90 22.25 -2.11
C GLU A 167 2.86 22.16 -0.93
N GLN A 168 2.32 21.81 0.25
CA GLN A 168 3.14 21.69 1.44
C GLN A 168 2.65 20.50 2.27
N ILE A 169 3.58 19.60 2.56
CA ILE A 169 3.27 18.38 3.26
C ILE A 169 4.29 18.25 4.38
N GLY A 170 3.92 17.59 5.45
CA GLY A 170 4.81 17.55 6.58
C GLY A 170 4.44 16.55 7.64
N ILE A 171 5.25 16.55 8.70
CA ILE A 171 5.09 15.59 9.75
C ILE A 171 5.77 16.10 11.01
N CYS A 172 5.09 15.98 12.14
CA CYS A 172 5.64 16.40 13.42
C CYS A 172 6.64 15.35 13.89
N ILE A 173 7.82 15.80 14.30
CA ILE A 173 8.85 14.89 14.78
C ILE A 173 9.31 15.25 16.18
N GLY A 174 8.43 15.84 16.98
CA GLY A 174 8.81 16.19 18.33
C GLY A 174 7.92 17.21 18.98
N GLY A 175 7.67 17.00 20.28
CA GLY A 175 6.82 17.89 21.04
C GLY A 175 5.40 17.87 20.50
N GLY A 176 4.67 18.95 20.71
CA GLY A 176 3.32 19.02 20.21
C GLY A 176 2.96 20.46 19.92
N TYR A 177 2.01 20.66 19.03
CA TYR A 177 1.52 21.99 18.74
C TYR A 177 0.19 21.88 18.04
N ASP A 178 -0.53 22.99 17.93
CA ASP A 178 -1.76 23.03 17.19
C ASP A 178 -1.46 23.41 15.75
N THR A 180 -3.57 24.13 12.14
CA THR A 180 -4.82 24.24 11.43
C THR A 180 -4.63 24.34 9.93
N VAL A 181 -5.45 23.58 9.21
CA VAL A 181 -5.55 23.68 7.77
C VAL A 181 -6.99 24.01 7.42
N GLU A 182 -7.19 25.15 6.78
CA GLU A 182 -8.54 25.62 6.52
C GLU A 182 -9.34 25.61 7.83
N GLY A 183 -10.48 24.93 7.84
CA GLY A 183 -11.37 24.94 9.02
C GLY A 183 -11.09 23.84 10.03
N CYS A 184 -9.87 23.31 10.05
CA CYS A 184 -9.58 22.12 10.86
C CYS A 184 -8.29 22.24 11.67
N THR A 185 -8.44 22.19 12.99
CA THR A 185 -7.28 22.23 13.88
C THR A 185 -7.07 20.87 14.52
N VAL A 186 -5.83 20.39 14.48
CA VAL A 186 -5.46 19.13 15.11
C VAL A 186 -4.29 19.36 16.05
N GLU A 187 -4.28 18.68 17.18
CA GLU A 187 -3.09 18.71 18.04
C GLU A 187 -2.09 17.69 17.53
N LYS A 189 1.12 15.29 17.19
CA LYS A 189 1.97 14.48 18.05
C LYS A 189 3.16 14.00 17.21
N PHE A 190 4.11 13.34 17.84
CA PHE A 190 5.20 12.72 17.08
C PHE A 190 4.57 11.79 16.04
N GLY A 191 4.90 12.00 14.77
CA GLY A 191 4.37 11.13 13.71
C GLY A 191 3.15 11.63 12.96
N THR A 192 2.45 12.63 13.49
CA THR A 192 1.27 13.13 12.79
C THR A 192 1.67 13.82 11.49
N ALA A 193 1.06 13.41 10.38
CA ALA A 193 1.34 14.01 9.08
C ALA A 193 0.19 14.90 8.61
N TYR A 194 0.53 15.89 7.80
CA TYR A 194 -0.44 16.83 7.27
C TYR A 194 -0.16 17.01 5.77
N PHE A 195 -1.21 17.26 5.00
CA PHE A 195 -1.10 17.46 3.56
C PHE A 195 -1.86 18.71 3.12
N CYS A 196 -1.15 19.70 2.58
CA CYS A 196 -1.80 20.91 2.07
C CYS A 196 -1.65 21.06 0.56
N GLU A 197 -2.76 20.92 -0.14
CA GLU A 197 -2.81 21.21 -1.58
C GLU A 197 -2.57 22.70 -1.83
N PRO A 198 -2.26 23.06 -3.08
CA PRO A 198 -2.08 24.47 -3.41
C PRO A 198 -3.22 25.35 -2.90
N ARG A 199 -2.89 26.48 -2.27
CA ARG A 199 -3.88 27.50 -1.91
C ARG A 199 -4.74 27.13 -0.70
N GLU A 200 -4.42 26.03 -0.05
CA GLU A 200 -5.15 25.69 1.17
C GLU A 200 -4.50 26.43 2.35
N ASP A 201 -5.29 27.26 3.02
CA ASP A 201 -4.77 28.08 4.12
C ASP A 201 -4.32 27.19 5.26
N HIS A 202 -3.26 27.59 5.95
CA HIS A 202 -2.77 26.80 7.08
C HIS A 202 -1.86 27.61 8.00
N GLY A 203 -1.73 27.14 9.23
CA GLY A 203 -0.90 27.80 10.21
C GLY A 203 -0.63 26.88 11.37
N ALA A 204 0.15 27.37 12.33
CA ALA A 204 0.53 26.57 13.48
C ALA A 204 0.79 27.45 14.70
N ILE A 205 0.39 26.96 15.86
CA ILE A 205 0.76 27.64 17.10
C ILE A 205 1.05 26.63 18.20
N ASN A 206 2.16 26.83 18.88
CA ASN A 206 2.62 25.92 19.94
C ASN A 206 2.43 26.56 21.30
N ARG A 207 1.32 26.21 21.96
CA ARG A 207 1.05 26.75 23.29
C ARG A 207 1.52 25.85 24.42
N SER A 208 2.32 24.84 24.10
CA SER A 208 2.94 24.00 25.12
C SER A 208 4.10 24.76 25.77
N GLU A 209 4.75 24.14 26.75
CA GLU A 209 5.86 24.79 27.44
C GLU A 209 7.22 24.45 26.86
N LYS A 210 7.23 23.73 25.74
CA LYS A 210 8.51 23.34 25.13
C LYS A 210 8.46 23.39 23.61
N GLU A 211 9.62 23.49 22.98
CA GLU A 211 9.66 23.59 21.53
C GLU A 211 9.21 22.27 20.91
N SER A 212 8.64 22.36 19.71
CA SER A 212 8.27 21.19 18.95
C SER A 212 9.01 21.25 17.63
N LYS A 213 9.20 20.11 16.99
CA LYS A 213 9.95 20.05 15.74
C LYS A 213 9.06 19.46 14.67
N SER A 214 9.25 19.91 13.43
CA SER A 214 8.50 19.39 12.31
C SER A 214 9.37 19.31 11.07
N ILE A 215 8.98 18.43 10.15
CA ILE A 215 9.56 18.43 8.82
C ILE A 215 8.49 18.90 7.85
N ASN A 216 8.84 19.87 7.02
CA ASN A 216 7.90 20.48 6.12
C ASN A 216 8.47 20.56 4.71
N ILE A 217 7.68 20.10 3.75
CA ILE A 217 8.17 19.87 2.41
C ILE A 217 7.34 20.64 1.38
N PHE A 218 8.02 21.46 0.60
CA PHE A 218 7.38 22.29 -0.40
C PHE A 218 7.58 21.74 -1.82
N PHE A 219 6.50 21.69 -2.59
CA PHE A 219 6.56 21.34 -4.02
C PHE A 219 5.88 22.43 -4.84
N PRO A 220 6.63 23.20 -5.64
CA PRO A 220 8.09 23.29 -5.70
C PRO A 220 8.60 24.15 -4.55
N PRO A 221 9.92 24.39 -4.51
CA PRO A 221 10.52 25.21 -3.45
C PRO A 221 9.82 26.56 -3.26
N ARG A 222 9.74 27.00 -2.01
CA ARG A 222 9.12 28.28 -1.69
C ARG A 222 10.13 29.36 -1.31
N TYR A 223 11.16 28.99 -0.56
CA TYR A 223 12.10 30.00 -0.03
C TYR A 223 13.42 30.11 -0.77
N ASN A 224 13.92 28.98 -1.23
CA ASN A 224 15.18 28.95 -1.95
C ASN A 224 14.94 28.61 -3.41
N ARG A 225 14.29 29.54 -4.12
CA ARG A 225 13.98 29.37 -5.53
C ARG A 225 15.21 29.64 -6.40
N LYS B 2 17.26 -18.03 -12.85
CA LYS B 2 16.71 -17.56 -11.58
C LYS B 2 17.00 -18.52 -10.45
N THR B 3 17.42 -17.98 -9.33
CA THR B 3 17.58 -18.74 -8.10
C THR B 3 16.21 -19.13 -7.55
N LYS B 4 16.18 -20.02 -6.56
CA LYS B 4 14.92 -20.36 -5.90
C LYS B 4 14.29 -19.11 -5.29
N GLU B 5 15.13 -18.25 -4.70
CA GLU B 5 14.64 -17.01 -4.11
C GLU B 5 14.05 -16.08 -5.16
N ASP B 6 14.78 -15.87 -6.25
CA ASP B 6 14.26 -15.11 -7.38
C ASP B 6 12.86 -15.59 -7.73
N GLN B 8 10.67 -17.64 -5.97
CA GLN B 8 9.71 -17.47 -4.90
C GLN B 8 9.12 -16.05 -4.90
N GLU B 9 9.99 -15.05 -5.00
CA GLU B 9 9.55 -13.65 -4.97
C GLU B 9 8.63 -13.27 -6.15
N LEU B 10 8.80 -13.97 -7.26
CA LEU B 10 7.94 -13.75 -8.42
C LEU B 10 6.59 -14.46 -8.27
N TYR B 11 6.64 -15.78 -8.12
CA TYR B 11 5.44 -16.61 -8.18
C TYR B 11 4.67 -16.67 -6.87
N PHE B 12 5.38 -16.55 -5.76
CA PHE B 12 4.75 -16.64 -4.44
C PHE B 12 5.25 -15.52 -3.53
N PRO B 13 4.87 -14.27 -3.86
CA PRO B 13 5.44 -13.12 -3.18
C PRO B 13 5.18 -13.14 -1.68
N THR B 14 6.14 -12.65 -0.91
CA THR B 14 5.95 -12.53 0.52
C THR B 14 4.95 -11.42 0.78
N PRO B 15 3.93 -11.69 1.61
CA PRO B 15 2.93 -10.68 1.90
C PRO B 15 3.39 -9.66 2.93
N LYS B 16 2.73 -8.52 2.98
CA LYS B 16 2.92 -7.59 4.07
C LYS B 16 1.59 -7.38 4.80
N LEU B 17 1.68 -7.08 6.08
CA LEU B 17 0.49 -6.88 6.89
C LEU B 17 0.07 -5.42 6.86
N ILE B 18 -1.22 -5.19 6.66
CA ILE B 18 -1.76 -3.82 6.65
C ILE B 18 -2.88 -3.72 7.67
N GLU B 19 -2.71 -2.85 8.65
CA GLU B 19 -3.71 -2.70 9.68
C GLU B 19 -4.35 -1.32 9.63
N TRP B 20 -5.67 -1.30 9.63
CA TRP B 20 -6.43 -0.06 9.65
C TRP B 20 -6.80 0.32 11.08
N GLU B 21 -7.11 1.58 11.30
CA GLU B 21 -7.52 2.05 12.61
C GLU B 21 -8.80 1.36 13.06
N ASN B 22 -9.64 0.98 12.10
CA ASN B 22 -10.94 0.40 12.41
C ASN B 22 -10.87 -1.10 12.70
N GLY B 23 -9.66 -1.65 12.70
CA GLY B 23 -9.46 -3.04 13.08
C GLY B 23 -9.25 -3.99 11.92
N VAL B 24 -9.64 -3.57 10.72
CA VAL B 24 -9.39 -4.37 9.53
C VAL B 24 -7.90 -4.67 9.39
N ARG B 25 -7.59 -5.95 9.17
CA ARG B 25 -6.22 -6.37 8.88
C ARG B 25 -6.17 -7.03 7.51
N GLN B 26 -5.16 -6.68 6.72
CA GLN B 26 -5.05 -7.23 5.37
C GLN B 26 -3.67 -7.81 5.11
N TYR B 27 -3.65 -8.94 4.40
CA TYR B 27 -2.40 -9.50 3.89
C TYR B 27 -2.32 -9.22 2.40
N SER B 28 -1.35 -8.38 2.03
CA SER B 28 -1.21 -7.91 0.66
C SER B 28 -0.01 -8.54 -0.01
N THR B 29 -0.25 -9.09 -1.20
CA THR B 29 0.81 -9.68 -2.01
C THR B 29 0.72 -9.06 -3.41
N VAL B 30 1.85 -8.79 -4.03
CA VAL B 30 1.87 -8.08 -5.30
C VAL B 30 2.78 -8.73 -6.34
N ARG B 31 2.32 -8.77 -7.57
CA ARG B 31 3.21 -8.97 -8.72
C ARG B 31 2.81 -8.04 -9.84
N GLY B 32 3.74 -7.21 -10.27
CA GLY B 32 3.46 -6.24 -11.33
C GLY B 32 2.18 -5.46 -11.10
N ASP B 33 1.31 -5.47 -12.10
CA ASP B 33 0.09 -4.67 -12.06
C ASP B 33 -1.04 -5.31 -11.26
N THR B 34 -0.75 -6.33 -10.45
CA THR B 34 -1.81 -7.04 -9.74
C THR B 34 -1.55 -7.25 -8.24
N GLU B 35 -2.53 -6.89 -7.43
CA GLU B 35 -2.43 -7.08 -5.99
C GLU B 35 -3.56 -7.99 -5.49
N VAL B 36 -3.23 -8.97 -4.67
CA VAL B 36 -4.23 -9.78 -4.01
C VAL B 36 -4.28 -9.37 -2.55
N LEU B 37 -5.48 -9.11 -2.04
CA LEU B 37 -5.64 -8.72 -0.64
C LEU B 37 -6.58 -9.66 0.08
N SER B 39 -8.53 -9.86 3.50
CA SER B 39 -8.93 -8.98 4.58
C SER B 39 -9.69 -9.71 5.68
N TYR B 40 -9.33 -9.40 6.93
CA TYR B 40 -10.08 -9.84 8.10
C TYR B 40 -10.82 -8.64 8.66
N VAL B 41 -12.14 -8.68 8.57
CA VAL B 41 -12.97 -7.58 8.99
C VAL B 41 -13.73 -7.98 10.25
N PRO B 42 -13.45 -7.29 11.37
CA PRO B 42 -14.06 -7.64 12.66
C PRO B 42 -15.58 -7.46 12.62
N PRO B 43 -16.29 -8.11 13.56
CA PRO B 43 -17.74 -7.99 13.66
C PRO B 43 -18.18 -6.53 13.72
N HIS B 44 -19.38 -6.24 13.23
CA HIS B 44 -19.92 -4.90 13.29
C HIS B 44 -18.86 -3.86 12.99
N THR B 45 -18.27 -3.93 11.79
CA THR B 45 -17.26 -2.97 11.38
C THR B 45 -17.58 -2.48 9.97
N ASN B 46 -17.52 -1.16 9.79
CA ASN B 46 -17.73 -0.56 8.48
C ASN B 46 -16.41 -0.37 7.72
N VAL B 47 -16.43 -0.66 6.43
CA VAL B 47 -15.31 -0.34 5.54
C VAL B 47 -15.72 0.87 4.70
N GLU B 48 -15.09 2.01 4.93
CA GLU B 48 -15.53 3.25 4.31
C GLU B 48 -15.45 3.16 2.79
N PRO B 49 -16.39 3.82 2.10
CA PRO B 49 -16.41 3.82 0.64
C PRO B 49 -15.21 4.53 0.05
N HIS B 50 -14.68 4.01 -1.06
CA HIS B 50 -13.65 4.70 -1.80
C HIS B 50 -13.64 4.25 -3.26
N GLN B 51 -12.78 4.86 -4.05
CA GLN B 51 -12.65 4.51 -5.46
C GLN B 51 -11.20 4.67 -5.90
N HIS B 52 -10.86 4.11 -7.04
CA HIS B 52 -9.52 4.23 -7.58
C HIS B 52 -9.48 3.82 -9.05
N LYS B 53 -8.36 4.10 -9.71
CA LYS B 53 -8.20 3.79 -11.13
C LYS B 53 -8.13 2.30 -11.40
N GLU B 54 -7.73 1.51 -10.40
CA GLU B 54 -7.63 0.07 -10.58
C GLU B 54 -9.01 -0.59 -10.50
N VAL B 55 -9.24 -1.61 -11.33
CA VAL B 55 -10.46 -2.40 -11.19
C VAL B 55 -10.30 -3.27 -9.97
N GLN B 56 -11.42 -3.72 -9.41
CA GLN B 56 -11.37 -4.58 -8.24
C GLN B 56 -12.39 -5.71 -8.33
N ILE B 57 -11.93 -6.92 -8.04
CA ILE B 57 -12.79 -8.09 -7.97
C ILE B 57 -12.77 -8.58 -6.53
N GLY B 58 -13.95 -8.84 -5.98
CA GLY B 58 -14.05 -9.22 -4.58
C GLY B 58 -14.91 -10.45 -4.34
N VAL B 60 -16.26 -13.07 -0.80
CA VAL B 60 -16.21 -13.40 0.62
C VAL B 60 -15.79 -14.85 0.75
N VAL B 61 -14.81 -15.11 1.60
CA VAL B 61 -14.31 -16.45 1.79
C VAL B 61 -15.00 -17.10 3.00
N SER B 62 -15.30 -16.28 3.99
CA SER B 62 -15.91 -16.76 5.22
C SER B 62 -16.74 -15.66 5.88
N GLY B 63 -17.91 -16.02 6.38
CA GLY B 63 -18.82 -15.06 7.01
C GLY B 63 -19.75 -14.44 5.99
N GLU B 64 -20.41 -13.36 6.39
CA GLU B 64 -21.37 -12.69 5.52
C GLU B 64 -21.14 -11.19 5.55
N LEU B 65 -21.09 -10.58 4.37
CA LEU B 65 -20.71 -9.18 4.22
C LEU B 65 -21.76 -8.39 3.44
N THR B 68 -21.47 -2.86 -1.00
CA THR B 68 -22.06 -1.81 -1.83
C THR B 68 -21.12 -1.42 -2.98
N VAL B 69 -21.64 -1.51 -4.19
CA VAL B 69 -20.89 -1.09 -5.38
C VAL B 69 -21.79 -0.19 -6.20
N GLY B 70 -21.30 1.01 -6.52
CA GLY B 70 -22.14 2.00 -7.17
C GLY B 70 -23.35 2.24 -6.29
N ASP B 71 -24.54 2.16 -6.87
CA ASP B 71 -25.77 2.36 -6.12
C ASP B 71 -26.38 1.02 -5.68
N VAL B 72 -25.70 -0.07 -5.99
CA VAL B 72 -26.22 -1.40 -5.69
C VAL B 72 -25.62 -1.97 -4.42
N THR B 73 -26.48 -2.36 -3.48
CA THR B 73 -26.03 -2.99 -2.25
C THR B 73 -26.52 -4.44 -2.20
N ARG B 74 -25.62 -5.36 -1.87
CA ARG B 74 -25.98 -6.77 -1.86
C ARG B 74 -25.38 -7.49 -0.65
N LYS B 75 -26.09 -8.52 -0.19
CA LYS B 75 -25.58 -9.38 0.87
C LYS B 75 -24.77 -10.50 0.22
N THR B 77 -22.73 -13.97 0.34
CA THR B 77 -22.53 -15.21 1.06
C THR B 77 -21.19 -15.83 0.69
N ALA B 78 -20.56 -16.47 1.66
CA ALA B 78 -19.25 -17.09 1.46
C ALA B 78 -19.21 -17.92 0.17
N LEU B 79 -18.37 -17.50 -0.77
CA LEU B 79 -18.04 -18.30 -1.94
C LEU B 79 -19.23 -18.59 -2.87
N GLU B 80 -20.28 -17.78 -2.80
CA GLU B 80 -21.43 -17.99 -3.67
C GLU B 80 -21.69 -16.74 -4.50
N SER B 81 -20.87 -15.72 -4.28
CA SER B 81 -21.00 -14.45 -4.98
C SER B 81 -19.64 -13.80 -5.19
N ALA B 82 -19.53 -13.04 -6.27
CA ALA B 82 -18.40 -12.16 -6.50
C ALA B 82 -18.93 -10.86 -7.07
N TYR B 83 -18.08 -9.83 -7.14
CA TYR B 83 -18.49 -8.59 -7.78
C TYR B 83 -17.34 -7.97 -8.52
N ILE B 84 -17.66 -7.10 -9.47
CA ILE B 84 -16.66 -6.33 -10.16
C ILE B 84 -16.96 -4.85 -10.03
N ALA B 85 -16.02 -4.11 -9.46
CA ALA B 85 -16.10 -2.66 -9.41
C ALA B 85 -15.17 -2.08 -10.46
N PRO B 86 -15.73 -1.69 -11.63
CA PRO B 86 -14.92 -1.09 -12.67
C PRO B 86 -14.14 0.10 -12.14
N PRO B 87 -13.12 0.56 -12.89
CA PRO B 87 -12.32 1.69 -12.48
C PRO B 87 -13.15 2.90 -12.02
N HIS B 88 -12.80 3.46 -10.87
CA HIS B 88 -13.38 4.70 -10.37
C HIS B 88 -14.80 4.57 -9.78
N VAL B 89 -15.40 3.40 -9.88
CA VAL B 89 -16.72 3.17 -9.30
C VAL B 89 -16.62 3.06 -7.78
N PRO B 90 -17.42 3.87 -7.06
CA PRO B 90 -17.39 3.84 -5.60
C PRO B 90 -17.84 2.50 -5.05
N HIS B 91 -17.13 1.99 -4.04
CA HIS B 91 -17.50 0.74 -3.40
C HIS B 91 -17.08 0.75 -1.93
N GLY B 92 -17.93 0.17 -1.08
CA GLY B 92 -17.67 0.07 0.35
C GLY B 92 -18.44 -1.09 0.93
N ALA B 93 -18.32 -1.31 2.24
CA ALA B 93 -18.97 -2.45 2.85
C ALA B 93 -19.17 -2.30 4.36
N ARG B 94 -20.02 -3.16 4.90
CA ARG B 94 -20.16 -3.26 6.34
C ARG B 94 -20.27 -4.73 6.74
N ASN B 95 -19.46 -5.11 7.73
CA ASN B 95 -19.70 -6.38 8.40
C ASN B 95 -20.79 -6.15 9.43
N ASP B 96 -21.98 -6.67 9.15
CA ASP B 96 -23.17 -6.36 9.94
C ASP B 96 -23.53 -7.53 10.85
N THR B 97 -22.55 -8.36 11.17
CA THR B 97 -22.78 -9.60 11.91
C THR B 97 -21.91 -9.73 13.14
N ASP B 98 -22.16 -10.78 13.93
CA ASP B 98 -21.39 -11.05 15.14
C ASP B 98 -20.08 -11.76 14.86
N GLN B 99 -19.86 -12.13 13.60
CA GLN B 99 -18.68 -12.92 13.25
C GLN B 99 -17.70 -12.13 12.39
N GLU B 100 -16.44 -12.57 12.43
CA GLU B 100 -15.39 -12.03 11.58
C GLU B 100 -15.69 -12.36 10.12
N VAL B 101 -15.42 -11.43 9.21
CA VAL B 101 -15.48 -11.75 7.78
C VAL B 101 -14.07 -11.87 7.23
N ILE B 102 -13.81 -12.97 6.53
CA ILE B 102 -12.59 -13.09 5.76
C ILE B 102 -12.96 -12.96 4.29
N ALA B 103 -12.41 -11.94 3.63
CA ALA B 103 -12.70 -11.70 2.23
C ALA B 103 -11.43 -11.59 1.42
N ILE B 104 -11.58 -11.65 0.10
CA ILE B 104 -10.45 -11.55 -0.80
C ILE B 104 -10.75 -10.48 -1.86
N ASP B 105 -9.75 -9.66 -2.18
CA ASP B 105 -9.88 -8.67 -3.23
C ASP B 105 -8.75 -8.81 -4.25
N ILE B 106 -9.07 -8.59 -5.52
CA ILE B 106 -8.03 -8.47 -6.53
C ILE B 106 -8.06 -7.07 -7.14
N LYS B 107 -6.92 -6.41 -7.08
CA LYS B 107 -6.78 -5.04 -7.58
C LYS B 107 -5.85 -5.06 -8.78
N ARG B 108 -6.29 -4.48 -9.90
CA ARG B 108 -5.59 -4.68 -11.16
C ARG B 108 -5.76 -3.53 -12.14
N LEU B 109 -4.72 -3.27 -12.93
CA LEU B 109 -4.80 -2.28 -13.99
C LEU B 109 -3.77 -2.59 -15.08
N LYS B 110 -4.25 -3.04 -16.22
CA LYS B 110 -3.40 -3.33 -17.36
C LYS B 110 -3.98 -2.74 -18.64
N ALA B 111 -3.16 -2.01 -19.38
CA ALA B 111 -3.59 -1.44 -20.65
C ALA B 111 -4.12 -2.57 -21.54
N ASP B 112 -5.03 -2.22 -22.45
CA ASP B 112 -5.67 -3.19 -23.35
C ASP B 112 -6.54 -4.23 -22.65
N GLU B 113 -7.02 -3.90 -21.46
CA GLU B 113 -8.08 -4.66 -20.81
C GLU B 113 -9.29 -3.75 -20.61
N THR B 114 -10.45 -4.20 -21.04
CA THR B 114 -11.67 -3.43 -20.84
C THR B 114 -12.53 -4.05 -19.74
N TYR B 115 -12.44 -3.47 -18.55
CA TYR B 115 -13.05 -4.04 -17.36
C TYR B 115 -14.58 -3.89 -17.32
N THR B 116 -15.26 -4.76 -18.06
CA THR B 116 -16.71 -4.80 -18.08
C THR B 116 -17.24 -5.48 -16.81
N SER B 117 -18.56 -5.54 -16.69
CA SER B 117 -19.19 -6.15 -15.51
C SER B 117 -20.67 -6.38 -15.76
N PRO B 118 -21.32 -7.12 -14.85
CA PRO B 118 -22.77 -7.23 -14.91
C PRO B 118 -23.40 -5.87 -14.67
N GLU B 119 -24.63 -5.67 -15.13
CA GLU B 119 -25.29 -4.40 -14.96
C GLU B 119 -25.26 -3.96 -13.50
N ASP B 120 -25.55 -4.90 -12.60
CA ASP B 120 -25.60 -4.59 -11.17
C ASP B 120 -24.31 -4.97 -10.43
N TYR B 121 -23.24 -5.23 -11.19
CA TYR B 121 -21.91 -5.42 -10.62
C TYR B 121 -21.63 -6.78 -9.98
N PHE B 122 -22.67 -7.49 -9.53
CA PHE B 122 -22.45 -8.75 -8.82
C PHE B 122 -22.57 -9.97 -9.73
N LEU B 123 -21.66 -10.92 -9.53
CA LEU B 123 -21.67 -12.16 -10.30
C LEU B 123 -22.24 -13.30 -9.45
N ASP B 124 -23.04 -14.16 -10.08
CA ASP B 124 -23.51 -15.35 -9.41
C ASP B 124 -22.76 -16.57 -9.92
N ILE B 125 -22.94 -17.71 -9.27
CA ILE B 125 -22.36 -18.96 -9.75
C ILE B 125 -22.86 -19.25 -11.17
N PHE B 126 -21.92 -19.42 -12.09
CA PHE B 126 -22.28 -19.68 -13.48
C PHE B 126 -22.46 -21.17 -13.74
N LYS B 127 -21.58 -21.97 -13.16
CA LYS B 127 -21.60 -23.40 -13.40
C LYS B 127 -20.73 -24.12 -12.38
N THR B 128 -21.09 -25.36 -12.08
CA THR B 128 -20.32 -26.16 -11.13
C THR B 128 -20.22 -27.60 -11.61
N ARG B 129 -19.00 -28.06 -11.85
CA ARG B 129 -18.77 -29.38 -12.40
C ARG B 129 -17.39 -29.88 -12.00
N ASP B 130 -17.04 -31.08 -12.44
CA ASP B 130 -15.70 -31.63 -12.21
C ASP B 130 -14.76 -31.25 -13.35
N LEU B 131 -13.64 -30.63 -13.00
CA LEU B 131 -12.63 -30.28 -13.98
C LEU B 131 -11.78 -31.51 -14.29
N LEU B 132 -11.60 -32.34 -13.27
CA LEU B 132 -10.95 -33.63 -13.41
C LEU B 132 -11.65 -34.57 -12.45
N PRO B 133 -11.77 -35.85 -12.82
CA PRO B 133 -12.48 -36.75 -11.92
C PRO B 133 -12.05 -36.52 -10.47
N GLY B 134 -13.02 -36.20 -9.60
CA GLY B 134 -12.74 -35.98 -8.19
C GLY B 134 -12.51 -34.53 -7.81
N GLU B 136 -13.83 -30.94 -8.03
CA GLU B 136 -14.99 -30.08 -8.30
C GLU B 136 -14.60 -28.61 -8.38
N VAL B 137 -15.09 -27.92 -9.42
CA VAL B 137 -14.81 -26.51 -9.61
C VAL B 137 -16.10 -25.70 -9.76
N THR B 138 -16.09 -24.48 -9.22
CA THR B 138 -17.21 -23.55 -9.36
C THR B 138 -16.77 -22.28 -10.08
N PHE B 139 -17.47 -21.92 -11.15
CA PHE B 139 -17.08 -20.79 -12.00
C PHE B 139 -17.91 -19.53 -11.79
N PHE B 140 -17.24 -18.38 -11.80
CA PHE B 140 -17.90 -17.09 -11.94
C PHE B 140 -17.29 -16.41 -13.18
N VAL B 141 -18.14 -16.00 -14.12
CA VAL B 141 -17.65 -15.61 -15.45
C VAL B 141 -18.01 -14.19 -15.87
N GLU B 142 -17.00 -13.45 -16.31
CA GLU B 142 -17.20 -12.17 -17.01
C GLU B 142 -16.35 -12.18 -18.28
N ASP B 143 -16.49 -11.16 -19.12
CA ASP B 143 -15.82 -11.15 -20.43
C ASP B 143 -14.31 -11.31 -20.34
N TRP B 144 -13.70 -10.61 -19.38
CA TRP B 144 -12.25 -10.51 -19.29
C TRP B 144 -11.66 -11.28 -18.10
N VAL B 145 -12.52 -11.88 -17.29
CA VAL B 145 -12.03 -12.59 -16.11
C VAL B 145 -12.92 -13.75 -15.72
N GLU B 146 -12.29 -14.87 -15.38
CA GLU B 146 -12.99 -16.04 -14.95
C GLU B 146 -12.49 -16.42 -13.56
N ILE B 147 -13.41 -16.47 -12.60
CA ILE B 147 -13.06 -16.94 -11.27
C ILE B 147 -13.43 -18.41 -11.14
N LEU B 149 -13.28 -21.54 -8.37
CA LEU B 149 -13.01 -22.24 -7.12
C LEU B 149 -12.63 -23.67 -7.45
N ALA B 150 -11.65 -24.22 -6.75
CA ALA B 150 -11.26 -25.61 -6.94
C ALA B 150 -11.09 -26.38 -5.63
N LYS B 151 -11.59 -27.61 -5.60
CA LYS B 151 -11.32 -28.51 -4.48
C LYS B 151 -10.44 -29.66 -4.97
N ILE B 152 -9.19 -29.69 -4.51
CA ILE B 152 -8.26 -30.76 -4.87
C ILE B 152 -8.24 -31.84 -3.78
N PRO B 153 -8.69 -33.06 -4.10
CA PRO B 153 -8.77 -34.08 -3.06
C PRO B 153 -7.40 -34.37 -2.44
N GLY B 154 -7.41 -34.82 -1.18
CA GLY B 154 -6.19 -35.20 -0.50
C GLY B 154 -5.68 -36.52 -1.03
N ASN B 155 -4.55 -36.98 -0.48
CA ASN B 155 -4.00 -38.28 -0.84
C ASN B 155 -3.74 -38.43 -2.34
N GLY B 156 -3.17 -37.41 -2.95
CA GLY B 156 -2.75 -37.51 -4.35
C GLY B 156 -3.62 -36.77 -5.34
N GLY B 157 -4.54 -35.95 -4.86
CA GLY B 157 -5.31 -35.09 -5.74
C GLY B 157 -4.32 -34.24 -6.51
N GLU B 158 -4.52 -34.09 -7.81
CA GLU B 158 -3.48 -33.48 -8.63
C GLU B 158 -3.94 -32.76 -9.89
N PRO B 160 -2.16 -31.74 -13.13
CA PRO B 160 -0.90 -31.92 -13.84
C PRO B 160 -0.22 -30.59 -14.18
N PHE B 161 1.11 -30.63 -14.19
CA PHE B 161 1.96 -29.50 -14.58
C PHE B 161 1.63 -29.13 -16.02
N HIS B 162 1.26 -27.86 -16.25
CA HIS B 162 0.82 -27.42 -17.57
C HIS B 162 1.06 -25.92 -17.75
N LYS B 163 0.74 -25.43 -18.95
CA LYS B 163 0.83 -23.98 -19.19
C LYS B 163 -0.23 -23.55 -20.20
N HIS B 164 -0.50 -22.26 -20.27
CA HIS B 164 -1.50 -21.73 -21.20
C HIS B 164 -1.37 -20.22 -21.33
N ARG B 165 -1.87 -19.67 -22.42
CA ARG B 165 -1.72 -18.25 -22.67
C ARG B 165 -2.39 -17.42 -21.58
N ASN B 166 -3.41 -17.99 -20.94
CA ASN B 166 -4.12 -17.27 -19.89
C ASN B 166 -3.25 -16.97 -18.68
N GLU B 167 -3.29 -15.73 -18.22
CA GLU B 167 -2.70 -15.37 -16.96
C GLU B 167 -3.55 -16.03 -15.88
N GLN B 168 -2.92 -16.45 -14.79
CA GLN B 168 -3.64 -17.13 -13.73
C GLN B 168 -3.04 -16.80 -12.38
N ILE B 169 -3.84 -16.17 -11.52
CA ILE B 169 -3.41 -15.90 -10.16
C ILE B 169 -4.45 -16.47 -9.21
N GLY B 170 -4.05 -16.71 -7.98
CA GLY B 170 -4.97 -17.32 -7.05
C GLY B 170 -4.48 -17.32 -5.63
N ILE B 171 -5.25 -17.96 -4.76
CA ILE B 171 -4.97 -17.95 -3.35
C ILE B 171 -5.58 -19.19 -2.71
N CYS B 172 -4.81 -19.80 -1.80
CA CYS B 172 -5.29 -20.98 -1.11
C CYS B 172 -6.26 -20.58 0.00
N ILE B 173 -7.43 -21.23 0.04
CA ILE B 173 -8.46 -20.88 1.03
C ILE B 173 -8.91 -22.08 1.86
N GLY B 174 -8.07 -23.11 1.94
CA GLY B 174 -8.43 -24.28 2.72
C GLY B 174 -7.38 -25.37 2.67
N GLY B 175 -7.08 -25.94 3.83
CA GLY B 175 -6.13 -27.04 3.93
C GLY B 175 -4.74 -26.66 3.45
N GLY B 176 -4.07 -27.60 2.81
CA GLY B 176 -2.77 -27.32 2.24
C GLY B 176 -2.50 -28.19 1.03
N TYR B 177 -1.55 -27.75 0.19
CA TYR B 177 -1.15 -28.53 -0.97
C TYR B 177 0.15 -27.97 -1.55
N ASP B 178 0.86 -28.82 -2.28
CA ASP B 178 2.05 -28.40 -3.00
C ASP B 178 1.67 -27.72 -4.30
N THR B 180 3.56 -25.80 -7.63
CA THR B 180 4.80 -25.39 -8.28
C THR B 180 4.56 -24.56 -9.53
N VAL B 181 5.38 -23.51 -9.65
CA VAL B 181 5.39 -22.63 -10.80
C VAL B 181 6.82 -22.62 -11.34
N GLU B 182 6.97 -22.90 -12.63
CA GLU B 182 8.29 -23.12 -13.20
C GLU B 182 9.13 -24.00 -12.26
N GLY B 183 10.29 -23.50 -11.84
CA GLY B 183 11.21 -24.29 -11.02
C GLY B 183 11.05 -24.17 -9.51
N CYS B 184 9.89 -23.73 -9.06
CA CYS B 184 9.71 -23.40 -7.64
C CYS B 184 8.45 -24.04 -7.03
N THR B 185 8.64 -24.85 -5.99
CA THR B 185 7.51 -25.49 -5.30
C THR B 185 7.33 -24.91 -3.90
N VAL B 186 6.14 -24.40 -3.61
CA VAL B 186 5.86 -23.92 -2.27
C VAL B 186 4.75 -24.76 -1.62
N GLU B 187 4.86 -24.99 -0.32
CA GLU B 187 3.77 -25.63 0.40
C GLU B 187 2.69 -24.58 0.72
N LYS B 189 -0.58 -22.66 2.10
CA LYS B 189 -1.39 -22.64 3.32
C LYS B 189 -2.56 -21.70 3.10
N PHE B 190 -3.52 -21.71 4.02
CA PHE B 190 -4.62 -20.78 3.94
C PHE B 190 -4.06 -19.37 3.75
N GLY B 191 -4.41 -18.71 2.66
CA GLY B 191 -3.99 -17.32 2.43
C GLY B 191 -2.77 -17.13 1.54
N THR B 192 -2.12 -18.22 1.15
CA THR B 192 -0.97 -18.10 0.27
C THR B 192 -1.45 -17.77 -1.15
N ALA B 193 -0.90 -16.69 -1.72
CA ALA B 193 -1.29 -16.28 -3.06
C ALA B 193 -0.22 -16.64 -4.08
N TYR B 194 -0.64 -16.91 -5.30
CA TYR B 194 0.30 -17.21 -6.39
C TYR B 194 -0.04 -16.36 -7.62
N PHE B 195 0.98 -16.08 -8.43
CA PHE B 195 0.82 -15.30 -9.65
C PHE B 195 1.53 -16.00 -10.81
N CYS B 196 0.77 -16.35 -11.84
CA CYS B 196 1.36 -16.95 -13.04
C CYS B 196 1.13 -16.04 -14.25
N GLU B 197 2.22 -15.47 -14.77
CA GLU B 197 2.16 -14.77 -16.04
C GLU B 197 1.86 -15.76 -17.16
N PRO B 198 1.39 -15.26 -18.31
CA PRO B 198 1.13 -16.11 -19.46
C PRO B 198 2.27 -17.10 -19.69
N ARG B 199 1.91 -18.35 -19.98
CA ARG B 199 2.88 -19.37 -20.40
C ARG B 199 3.85 -19.88 -19.33
N GLU B 200 3.75 -19.38 -18.11
CA GLU B 200 4.57 -19.92 -17.03
C GLU B 200 3.94 -21.24 -16.55
N ASP B 201 4.72 -22.32 -16.61
CA ASP B 201 4.24 -23.65 -16.23
C ASP B 201 3.84 -23.72 -14.77
N HIS B 202 2.82 -24.51 -14.46
CA HIS B 202 2.36 -24.67 -13.09
C HIS B 202 1.49 -25.90 -12.92
N GLY B 203 1.44 -26.40 -11.69
CA GLY B 203 0.66 -27.57 -11.33
C GLY B 203 0.57 -27.67 -9.83
N ALA B 204 -0.11 -28.70 -9.33
CA ALA B 204 -0.32 -28.82 -7.90
C ALA B 204 -0.64 -30.25 -7.51
N ILE B 205 -0.19 -30.64 -6.32
CA ILE B 205 -0.50 -31.96 -5.81
C ILE B 205 -0.83 -31.78 -4.33
N ASN B 206 -1.92 -32.41 -3.90
CA ASN B 206 -2.33 -32.35 -2.51
C ASN B 206 -1.98 -33.66 -1.81
N ARG B 207 -0.89 -33.64 -1.05
CA ARG B 207 -0.38 -34.85 -0.42
C ARG B 207 -0.97 -35.08 0.97
N SER B 208 -1.60 -34.07 1.54
CA SER B 208 -2.25 -34.23 2.84
C SER B 208 -3.41 -35.20 2.72
N GLU B 209 -4.09 -35.46 3.83
CA GLU B 209 -5.17 -36.44 3.86
C GLU B 209 -6.55 -35.80 3.92
N LYS B 210 -6.60 -34.50 3.65
CA LYS B 210 -7.88 -33.82 3.52
C LYS B 210 -7.85 -32.97 2.26
N GLU B 211 -9.02 -32.74 1.67
CA GLU B 211 -9.10 -31.93 0.46
C GLU B 211 -8.66 -30.50 0.75
N SER B 212 -8.21 -29.79 -0.28
CA SER B 212 -7.79 -28.40 -0.11
C SER B 212 -8.53 -27.50 -1.10
N LYS B 213 -8.86 -26.29 -0.65
CA LYS B 213 -9.66 -25.37 -1.42
C LYS B 213 -8.80 -24.23 -1.95
N SER B 214 -9.08 -23.77 -3.16
CA SER B 214 -8.37 -22.61 -3.72
C SER B 214 -9.28 -21.74 -4.57
N ILE B 215 -8.87 -20.48 -4.75
CA ILE B 215 -9.50 -19.58 -5.70
C ILE B 215 -8.51 -19.29 -6.82
N ASN B 216 -8.93 -19.55 -8.05
CA ASN B 216 -8.05 -19.45 -9.19
C ASN B 216 -8.66 -18.55 -10.26
N ILE B 217 -7.93 -17.51 -10.64
CA ILE B 217 -8.49 -16.46 -11.50
C ILE B 217 -7.75 -16.33 -12.84
N PHE B 218 -8.52 -16.40 -13.92
CA PHE B 218 -7.97 -16.40 -15.27
C PHE B 218 -8.21 -15.07 -15.98
N PHE B 219 -7.15 -14.50 -16.55
CA PHE B 219 -7.27 -13.35 -17.44
C PHE B 219 -6.63 -13.69 -18.78
N PRO B 220 -7.43 -13.79 -19.85
CA PRO B 220 -8.89 -13.80 -19.86
C PRO B 220 -9.45 -15.20 -19.57
N PRO B 221 -10.77 -15.37 -19.67
CA PRO B 221 -11.41 -16.65 -19.34
C PRO B 221 -10.79 -17.83 -20.07
N ARG B 222 -10.70 -18.97 -19.39
CA ARG B 222 -10.09 -20.16 -19.96
C ARG B 222 -11.09 -21.22 -20.40
N TYR B 223 -12.08 -21.50 -19.56
CA TYR B 223 -12.98 -22.63 -19.79
C TYR B 223 -14.35 -22.23 -20.31
N ASN B 224 -14.86 -21.11 -19.82
CA ASN B 224 -16.17 -20.59 -20.22
C ASN B 224 -16.01 -19.33 -21.06
N ARG B 225 -15.83 -19.50 -22.35
CA ARG B 225 -15.47 -18.39 -23.24
C ARG B 225 -16.55 -18.13 -24.29
#